data_6QU1
#
_entry.id   6QU1
#
_cell.length_a   64.496
_cell.length_b   64.496
_cell.length_c   287.986
_cell.angle_alpha   90.00
_cell.angle_beta   90.00
_cell.angle_gamma   90.00
#
_symmetry.space_group_name_H-M   'P 41 21 2'
#
loop_
_entity.id
_entity.type
_entity.pdbx_description
1 polymer 'Transcription intermediary factor 1-beta,Transcription intermediary factor 1-beta'
2 polymer 'SWI/SNF-related matrix-associated actin-dependent regulator of chromatin subfamily A containing DEAD/H box 1'
3 non-polymer 'ZINC ION'
#
loop_
_entity_poly.entity_id
_entity_poly.type
_entity_poly.pdbx_seq_one_letter_code
_entity_poly.pdbx_strand_id
1 'polypeptide(L)'
;GGGAEALELLEHCGVCRERLRPEREPRLLPCLHSACSACLGPAAPAAANSSGDGGAAGDGTVVDCPVCKQQCFSKDIVEN
YFMRDSGSKAGERTVYCNVHKHEPLVLFCESCDTLTCRDCQLNAHKDHQYQFLEDAVRNQRKLLASLVKRLGDKHATLQK
STKEVRSSIRQVSDVQKRVQVDVKMAILQIMKELNKRGRVLVNDAQKVTEGQQERLERQHWTMTKIQKHQEHILRFASWA
LESDNNTALLLSKKLIYFQLHRALKMIVDPVEPHGEMKFQWDLNAWTKSAEAFGKIVAERPGTNSTGPAPMAPPRAPGPL
SK
;
A
2 'polypeptide(L)' LSELEDLKDAKLQTLKELFPQRSDNDLLKLIESTSTMDGAIAAALLMF D
#
loop_
_chem_comp.id
_chem_comp.type
_chem_comp.name
_chem_comp.formula
ZN non-polymer 'ZINC ION' 'Zn 2'
#
# COMPACT_ATOMS: atom_id res chain seq x y z
N LEU A 7 30.37 -9.65 22.88
CA LEU A 7 31.74 -9.19 22.69
C LEU A 7 32.05 -8.05 23.65
N GLU A 8 31.94 -6.82 23.16
CA GLU A 8 32.21 -5.63 23.96
C GLU A 8 31.14 -5.35 25.00
N LEU A 9 30.07 -6.13 25.04
CA LEU A 9 28.97 -5.91 25.97
C LEU A 9 28.68 -7.09 26.88
N LEU A 10 28.99 -8.32 26.44
CA LEU A 10 28.76 -9.50 27.29
C LEU A 10 29.53 -9.39 28.59
N GLU A 11 30.79 -8.97 28.53
CA GLU A 11 31.59 -8.80 29.73
C GLU A 11 31.08 -7.63 30.58
N HIS A 12 30.58 -6.58 29.93
CA HIS A 12 30.28 -5.36 30.66
C HIS A 12 29.01 -5.51 31.50
N CYS A 13 28.89 -4.63 32.49
CA CYS A 13 27.79 -4.67 33.46
C CYS A 13 26.55 -3.97 32.95
N GLY A 14 25.74 -3.44 33.85
CA GLY A 14 24.46 -2.85 33.49
C GLY A 14 24.52 -1.37 33.18
N VAL A 15 24.20 -0.54 34.19
CA VAL A 15 24.11 0.90 33.96
C VAL A 15 25.50 1.51 33.81
N CYS A 16 26.46 1.07 34.63
CA CYS A 16 27.81 1.61 34.54
C CYS A 16 28.66 0.89 33.50
N ARG A 17 28.25 -0.30 33.06
CA ARG A 17 28.96 -1.09 32.07
C ARG A 17 30.41 -1.37 32.47
N GLU A 18 30.64 -1.54 33.77
CA GLU A 18 31.95 -1.96 34.24
C GLU A 18 32.33 -3.31 33.66
N ARG A 19 33.63 -3.53 33.50
CA ARG A 19 34.13 -4.88 33.34
C ARG A 19 33.74 -5.70 34.58
N LEU A 20 33.48 -6.99 34.39
CA LEU A 20 33.12 -7.86 35.50
C LEU A 20 34.17 -7.79 36.60
N ARG A 21 33.87 -7.07 37.67
CA ARG A 21 34.67 -7.12 38.88
C ARG A 21 34.05 -8.14 39.81
N PRO A 22 34.73 -9.25 40.12
CA PRO A 22 34.14 -10.23 41.05
C PRO A 22 33.85 -9.64 42.43
N GLU A 23 34.56 -8.59 42.83
CA GLU A 23 34.26 -7.87 44.06
C GLU A 23 32.89 -7.20 43.99
N ARG A 24 32.39 -6.93 42.79
CA ARG A 24 31.15 -6.18 42.61
C ARG A 24 29.91 -6.96 43.03
N GLU A 25 30.07 -8.23 43.41
CA GLU A 25 28.95 -9.12 43.69
C GLU A 25 27.92 -9.09 42.55
N PRO A 26 28.33 -9.40 41.32
CA PRO A 26 27.40 -9.29 40.20
C PRO A 26 26.41 -10.44 40.17
N ARG A 27 25.18 -10.13 39.79
CA ARG A 27 24.09 -11.11 39.80
C ARG A 27 23.50 -11.25 38.40
N LEU A 28 23.15 -12.49 38.05
CA LEU A 28 22.68 -12.84 36.73
C LEU A 28 21.18 -13.12 36.79
N LEU A 29 20.40 -12.31 36.08
CA LEU A 29 18.96 -12.44 36.08
C LEU A 29 18.52 -13.67 35.30
N PRO A 30 17.27 -14.12 35.48
CA PRO A 30 16.79 -15.27 34.69
C PRO A 30 16.83 -15.02 33.18
N CYS A 31 16.67 -13.77 32.74
CA CYS A 31 16.78 -13.46 31.33
C CYS A 31 18.19 -13.58 30.79
N LEU A 32 19.17 -13.91 31.65
CA LEU A 32 20.59 -14.10 31.40
C LEU A 32 21.35 -12.77 31.35
N HIS A 33 20.68 -11.63 31.48
CA HIS A 33 21.39 -10.37 31.63
C HIS A 33 22.11 -10.32 32.97
N SER A 34 23.22 -9.59 33.00
CA SER A 34 24.04 -9.49 34.19
C SER A 34 24.24 -8.03 34.58
N ALA A 35 24.08 -7.76 35.87
CA ALA A 35 24.30 -6.42 36.42
C ALA A 35 24.53 -6.56 37.91
N CYS A 36 25.56 -5.90 38.41
CA CYS A 36 25.91 -6.03 39.82
C CYS A 36 24.79 -5.49 40.71
N SER A 37 24.71 -6.01 41.93
CA SER A 37 23.67 -5.60 42.86
C SER A 37 23.75 -4.11 43.20
N ALA A 38 24.88 -3.47 42.91
CA ALA A 38 24.98 -2.02 43.09
C ALA A 38 24.15 -1.28 42.05
N CYS A 39 24.05 -1.83 40.83
CA CYS A 39 23.30 -1.15 39.78
C CYS A 39 21.81 -1.12 40.08
N LEU A 40 21.28 -2.19 40.69
CA LEU A 40 19.86 -2.28 40.97
C LEU A 40 19.67 -2.88 42.36
N GLY A 41 19.27 -2.04 43.31
CA GLY A 41 18.98 -2.45 44.66
C GLY A 41 17.56 -2.97 44.83
N PRO A 42 16.55 -2.14 44.50
CA PRO A 42 15.16 -2.60 44.63
C PRO A 42 14.81 -3.73 43.67
N THR A 61 10.80 -6.05 46.18
CA THR A 61 10.15 -7.35 45.94
C THR A 61 10.68 -7.98 44.65
N VAL A 62 9.80 -8.15 43.68
CA VAL A 62 10.18 -8.73 42.39
C VAL A 62 11.08 -7.75 41.65
N VAL A 63 12.29 -8.19 41.31
CA VAL A 63 13.29 -7.36 40.64
C VAL A 63 13.07 -7.46 39.14
N ASP A 64 13.25 -6.34 38.43
CA ASP A 64 13.00 -6.29 37.00
C ASP A 64 14.32 -6.04 36.25
N CYS A 65 14.36 -6.50 35.01
CA CYS A 65 15.58 -6.42 34.22
C CYS A 65 15.75 -5.01 33.66
N PRO A 66 16.99 -4.53 33.52
CA PRO A 66 17.21 -3.24 32.83
C PRO A 66 16.74 -3.27 31.39
N VAL A 67 16.57 -4.45 30.78
CA VAL A 67 16.16 -4.54 29.38
C VAL A 67 14.82 -5.26 29.30
N CYS A 68 14.79 -6.51 29.76
CA CYS A 68 13.59 -7.33 29.66
C CYS A 68 12.58 -6.99 30.75
N LYS A 69 12.01 -8.00 31.38
CA LYS A 69 10.96 -7.82 32.37
C LYS A 69 11.39 -8.42 33.70
N GLN A 70 10.52 -8.23 34.71
CA GLN A 70 10.68 -8.86 36.01
C GLN A 70 10.31 -10.33 35.90
N GLN A 71 11.06 -11.09 35.09
CA GLN A 71 10.65 -12.43 34.69
C GLN A 71 10.52 -13.36 35.88
N CYS A 72 11.25 -13.10 36.96
CA CYS A 72 11.17 -13.95 38.14
C CYS A 72 11.44 -13.12 39.39
N PHE A 73 10.86 -13.57 40.50
CA PHE A 73 11.16 -13.04 41.83
C PHE A 73 12.66 -13.06 42.08
N SER A 74 13.16 -12.19 42.97
CA SER A 74 14.58 -12.18 43.28
C SER A 74 15.09 -13.52 43.76
N LYS A 75 14.21 -14.38 44.27
CA LYS A 75 14.61 -15.71 44.74
C LYS A 75 15.18 -16.57 43.62
N ASP A 76 15.04 -16.18 42.37
CA ASP A 76 15.60 -16.93 41.24
C ASP A 76 16.68 -16.13 40.53
N ILE A 77 17.50 -15.42 41.30
CA ILE A 77 18.67 -14.74 40.77
C ILE A 77 19.91 -15.38 41.39
N VAL A 78 20.77 -15.92 40.55
CA VAL A 78 22.09 -16.36 40.96
C VAL A 78 23.01 -15.15 40.88
N GLU A 79 24.13 -15.22 41.59
CA GLU A 79 25.23 -14.28 41.41
C GLU A 79 26.15 -14.81 40.32
N ASN A 80 26.44 -13.98 39.33
CA ASN A 80 27.35 -14.38 38.26
C ASN A 80 28.69 -14.77 38.86
N TYR A 81 29.17 -15.95 38.50
CA TYR A 81 30.47 -16.44 38.91
C TYR A 81 31.39 -16.38 37.70
N PHE A 82 32.05 -15.24 37.54
CA PHE A 82 33.01 -15.01 36.45
C PHE A 82 34.16 -14.20 37.02
N MET A 83 35.26 -14.88 37.34
CA MET A 83 36.45 -14.28 37.92
C MET A 83 37.63 -14.68 37.02
N ARG A 84 37.78 -13.95 35.92
CA ARG A 84 38.69 -14.36 34.86
C ARG A 84 40.13 -14.49 35.35
N ASP A 85 40.80 -15.54 34.89
CA ASP A 85 42.19 -15.82 35.24
C ASP A 85 42.40 -15.88 36.75
N CYS A 97 31.50 -23.43 49.26
CA CYS A 97 30.18 -23.87 49.71
C CYS A 97 29.43 -22.73 50.39
N ASN A 98 28.10 -22.83 50.43
CA ASN A 98 27.29 -21.80 51.05
C ASN A 98 27.33 -21.86 52.57
N VAL A 99 27.53 -23.04 53.14
CA VAL A 99 27.31 -23.28 54.56
C VAL A 99 28.62 -23.53 55.30
N HIS A 100 29.46 -24.41 54.79
CA HIS A 100 30.62 -24.93 55.53
C HIS A 100 31.89 -24.13 55.27
N LYS A 101 31.76 -22.82 55.07
CA LYS A 101 32.89 -21.86 55.09
C LYS A 101 33.91 -22.24 54.02
N HIS A 102 35.21 -22.25 54.33
CA HIS A 102 36.29 -22.36 53.35
C HIS A 102 36.36 -23.73 52.69
N GLU A 103 35.54 -24.69 53.09
CA GLU A 103 35.51 -25.97 52.39
C GLU A 103 34.84 -25.77 51.03
N PRO A 104 35.56 -25.90 49.92
CA PRO A 104 34.99 -25.55 48.62
C PRO A 104 34.13 -26.65 48.05
N LEU A 105 33.34 -26.28 47.05
CA LEU A 105 32.52 -27.23 46.32
C LEU A 105 33.29 -27.80 45.13
N VAL A 106 33.14 -29.10 44.92
CA VAL A 106 33.86 -29.84 43.89
C VAL A 106 32.94 -30.94 43.40
N LEU A 107 31.95 -31.27 44.22
CA LEU A 107 31.15 -32.48 44.08
C LEU A 107 29.70 -32.14 43.76
N PHE A 108 29.06 -33.03 43.01
CA PHE A 108 27.74 -32.78 42.43
C PHE A 108 26.72 -33.71 43.07
N CYS A 109 25.71 -33.13 43.73
CA CYS A 109 24.63 -33.90 44.32
C CYS A 109 23.60 -34.24 43.24
N GLU A 110 23.59 -35.49 42.79
CA GLU A 110 22.69 -35.90 41.72
C GLU A 110 21.22 -35.80 42.12
N SER A 111 20.94 -35.80 43.43
CA SER A 111 19.56 -35.75 43.92
C SER A 111 19.06 -34.33 44.17
N CYS A 112 19.89 -33.30 43.92
CA CYS A 112 19.47 -31.92 44.13
C CYS A 112 19.90 -30.99 43.01
N ASP A 113 20.33 -31.53 41.87
CA ASP A 113 20.59 -30.76 40.65
C ASP A 113 21.76 -29.79 40.77
N THR A 114 22.36 -29.66 41.94
CA THR A 114 23.42 -28.68 42.15
C THR A 114 24.54 -29.29 42.98
N LEU A 115 25.63 -28.52 43.07
CA LEU A 115 26.87 -28.97 43.69
C LEU A 115 26.83 -28.80 45.20
N THR A 116 27.67 -29.58 45.88
CA THR A 116 27.83 -29.52 47.32
C THR A 116 29.27 -29.89 47.67
N CYS A 117 29.69 -29.46 48.86
CA CYS A 117 31.01 -29.81 49.35
C CYS A 117 30.96 -31.15 50.06
N ARG A 118 32.13 -31.65 50.48
CA ARG A 118 32.20 -32.98 51.08
C ARG A 118 31.38 -33.07 52.36
N ASP A 119 31.16 -31.96 53.05
CA ASP A 119 30.43 -31.97 54.32
C ASP A 119 28.93 -32.11 54.10
N CYS A 120 28.37 -31.32 53.17
CA CYS A 120 26.93 -31.33 52.95
C CYS A 120 26.40 -32.72 52.61
N GLN A 121 27.22 -33.54 51.96
CA GLN A 121 26.83 -34.90 51.58
C GLN A 121 27.03 -35.90 52.71
N LEU A 122 27.47 -35.44 53.89
CA LEU A 122 27.51 -36.26 55.09
C LEU A 122 26.39 -35.93 56.06
N ASN A 123 26.01 -34.65 56.15
CA ASN A 123 24.91 -34.25 57.03
C ASN A 123 23.61 -34.16 56.26
N ALA A 124 23.55 -33.29 55.26
CA ALA A 124 22.27 -33.00 54.61
C ALA A 124 21.91 -34.06 53.58
N HIS A 125 22.90 -34.54 52.82
CA HIS A 125 22.62 -35.51 51.76
C HIS A 125 23.26 -36.85 52.08
N LYS A 126 22.86 -37.46 53.20
CA LYS A 126 23.43 -38.73 53.62
C LYS A 126 22.80 -39.86 52.81
N ASP A 127 23.65 -40.59 52.08
CA ASP A 127 23.23 -41.65 51.15
C ASP A 127 22.24 -41.15 50.10
N HIS A 128 22.20 -39.83 49.89
CA HIS A 128 21.66 -39.30 48.65
C HIS A 128 22.61 -39.71 47.53
N GLN A 129 22.11 -40.54 46.60
CA GLN A 129 22.96 -41.00 45.50
C GLN A 129 23.57 -39.81 44.76
N TYR A 130 24.88 -39.87 44.57
CA TYR A 130 25.69 -38.68 44.35
C TYR A 130 26.76 -39.01 43.32
N GLN A 131 27.26 -37.96 42.64
CA GLN A 131 28.16 -38.15 41.53
C GLN A 131 29.27 -37.10 41.59
N PHE A 132 30.32 -37.35 40.83
CA PHE A 132 31.46 -36.44 40.77
C PHE A 132 31.27 -35.42 39.66
N LEU A 133 32.07 -34.34 39.74
CA LEU A 133 31.97 -33.26 38.77
C LEU A 133 32.36 -33.70 37.36
N GLU A 134 33.32 -34.61 37.25
CA GLU A 134 33.94 -34.89 35.95
C GLU A 134 32.95 -35.52 34.96
N ASP A 135 32.03 -36.36 35.44
CA ASP A 135 31.10 -37.02 34.54
C ASP A 135 29.83 -36.21 34.31
N ALA A 136 29.31 -35.56 35.35
CA ALA A 136 28.06 -34.83 35.22
C ALA A 136 28.21 -33.61 34.31
N VAL A 137 29.43 -33.06 34.22
CA VAL A 137 29.65 -31.89 33.38
C VAL A 137 29.75 -32.29 31.91
N ARG A 138 30.38 -33.42 31.62
CA ARG A 138 30.47 -33.89 30.24
C ARG A 138 29.09 -34.02 29.61
N ASN A 139 28.15 -34.62 30.34
CA ASN A 139 26.80 -34.81 29.81
C ASN A 139 26.08 -33.48 29.65
N GLN A 140 26.20 -32.59 30.64
CA GLN A 140 25.53 -31.30 30.55
C GLN A 140 26.04 -30.49 29.38
N ARG A 141 27.35 -30.51 29.14
CA ARG A 141 27.92 -29.81 27.99
C ARG A 141 27.39 -30.39 26.68
N LYS A 142 27.23 -31.71 26.62
CA LYS A 142 26.77 -32.35 25.40
C LYS A 142 25.28 -32.20 25.16
N LEU A 143 24.49 -31.90 26.20
CA LEU A 143 23.08 -31.60 26.01
C LEU A 143 22.84 -30.14 25.69
N LEU A 144 23.65 -29.23 26.25
CA LEU A 144 23.54 -27.82 25.90
C LEU A 144 24.05 -27.57 24.49
N ALA A 145 25.09 -28.29 24.07
CA ALA A 145 25.54 -28.21 22.68
C ALA A 145 24.44 -28.67 21.73
N SER A 146 23.62 -29.64 22.15
CA SER A 146 22.50 -30.06 21.32
C SER A 146 21.43 -28.97 21.27
N LEU A 147 21.06 -28.42 22.42
CA LEU A 147 20.07 -27.35 22.45
C LEU A 147 20.52 -26.14 21.64
N VAL A 148 21.81 -25.83 21.67
CA VAL A 148 22.32 -24.70 20.92
C VAL A 148 22.42 -25.04 19.43
N LYS A 149 22.89 -26.25 19.10
CA LYS A 149 23.06 -26.60 17.69
C LYS A 149 21.71 -26.68 16.98
N ARG A 150 20.64 -27.02 17.68
CA ARG A 150 19.31 -26.99 17.08
C ARG A 150 18.76 -25.58 17.05
N LEU A 151 18.86 -24.85 18.17
CA LEU A 151 18.37 -23.49 18.22
C LEU A 151 19.15 -22.58 17.26
N GLY A 152 20.44 -22.84 17.09
CA GLY A 152 21.21 -22.10 16.10
C GLY A 152 20.77 -22.38 14.68
N ASP A 153 20.51 -23.65 14.38
CA ASP A 153 19.93 -24.00 13.08
C ASP A 153 18.58 -23.33 12.86
N LYS A 154 17.93 -22.87 13.93
CA LYS A 154 16.63 -22.24 13.79
C LYS A 154 16.77 -20.75 13.47
N HIS A 155 17.61 -20.05 14.23
CA HIS A 155 17.93 -18.65 13.96
C HIS A 155 18.70 -18.46 12.66
N ALA A 156 19.07 -19.55 11.99
CA ALA A 156 19.59 -19.45 10.63
C ALA A 156 18.49 -19.16 9.62
N THR A 157 17.25 -19.56 9.93
CA THR A 157 16.15 -19.31 9.01
C THR A 157 15.58 -17.90 9.15
N LEU A 158 15.60 -17.34 10.36
CA LEU A 158 15.22 -15.94 10.53
C LEU A 158 16.17 -15.03 9.77
N GLN A 159 17.48 -15.32 9.85
CA GLN A 159 18.46 -14.61 9.03
C GLN A 159 18.16 -14.74 7.55
N LYS A 160 17.40 -15.75 7.15
CA LYS A 160 16.95 -15.94 5.78
C LYS A 160 15.54 -15.41 5.54
N SER A 161 14.66 -15.51 6.55
CA SER A 161 13.30 -15.02 6.38
C SER A 161 13.18 -13.53 6.68
N THR A 162 14.14 -12.94 7.39
CA THR A 162 14.20 -11.48 7.50
C THR A 162 14.42 -10.86 6.13
N LYS A 163 15.35 -11.42 5.35
CA LYS A 163 15.60 -10.92 4.00
C LYS A 163 14.40 -11.14 3.09
N GLU A 164 13.66 -12.23 3.29
CA GLU A 164 12.46 -12.47 2.48
C GLU A 164 11.39 -11.42 2.77
N VAL A 165 11.17 -11.11 4.05
CA VAL A 165 10.22 -10.07 4.40
C VAL A 165 10.71 -8.71 3.92
N ARG A 166 12.01 -8.45 4.07
CA ARG A 166 12.57 -7.16 3.65
C ARG A 166 12.38 -6.94 2.15
N SER A 167 12.61 -7.97 1.34
CA SER A 167 12.41 -7.82 -0.10
C SER A 167 10.94 -7.84 -0.46
N SER A 168 10.10 -8.51 0.34
CA SER A 168 8.68 -8.58 0.03
C SER A 168 8.01 -7.22 0.18
N ILE A 169 8.44 -6.43 1.16
CA ILE A 169 7.86 -5.10 1.37
C ILE A 169 8.10 -4.23 0.15
N ARG A 170 9.34 -4.20 -0.34
CA ARG A 170 9.65 -3.42 -1.53
C ARG A 170 8.82 -3.89 -2.72
N GLN A 171 8.58 -5.20 -2.82
CA GLN A 171 7.71 -5.71 -3.87
C GLN A 171 6.29 -5.17 -3.71
N VAL A 172 5.73 -5.28 -2.50
CA VAL A 172 4.37 -4.84 -2.26
C VAL A 172 4.19 -3.38 -2.66
N SER A 173 5.15 -2.53 -2.29
CA SER A 173 5.06 -1.11 -2.64
C SER A 173 5.41 -0.85 -4.09
N ASP A 174 6.25 -1.69 -4.70
CA ASP A 174 6.46 -1.60 -6.15
C ASP A 174 5.25 -2.10 -6.92
N VAL A 175 4.66 -3.20 -6.46
CA VAL A 175 3.44 -3.73 -7.07
C VAL A 175 2.23 -2.86 -6.77
N GLN A 176 2.39 -1.86 -5.91
CA GLN A 176 1.36 -0.85 -5.70
C GLN A 176 1.51 0.33 -6.65
N LYS A 177 2.76 0.74 -6.92
CA LYS A 177 3.03 1.89 -7.77
C LYS A 177 3.17 1.54 -9.24
N ARG A 178 3.13 0.26 -9.58
CA ARG A 178 3.08 -0.18 -10.98
C ARG A 178 1.66 -0.44 -11.43
N VAL A 179 0.82 -0.98 -10.55
CA VAL A 179 -0.62 -1.02 -10.82
C VAL A 179 -1.18 0.38 -10.83
N GLN A 180 -0.58 1.29 -10.07
CA GLN A 180 -1.00 2.70 -10.08
C GLN A 180 -0.75 3.35 -11.43
N VAL A 181 0.16 2.80 -12.24
CA VAL A 181 0.53 3.42 -13.51
C VAL A 181 -0.10 2.68 -14.68
N ASP A 182 -0.27 1.36 -14.54
CA ASP A 182 -0.91 0.58 -15.60
C ASP A 182 -2.31 1.09 -15.87
N VAL A 183 -3.06 1.39 -14.81
CA VAL A 183 -4.42 1.91 -14.98
C VAL A 183 -4.39 3.27 -15.67
N LYS A 184 -3.49 4.14 -15.24
CA LYS A 184 -3.44 5.50 -15.79
C LYS A 184 -3.05 5.48 -17.26
N MET A 185 -2.05 4.69 -17.62
CA MET A 185 -1.63 4.64 -19.03
C MET A 185 -2.65 3.93 -19.90
N ALA A 186 -3.43 2.99 -19.33
CA ALA A 186 -4.47 2.33 -20.10
C ALA A 186 -5.64 3.28 -20.35
N ILE A 187 -5.97 4.10 -19.35
CA ILE A 187 -7.02 5.10 -19.53
C ILE A 187 -6.68 6.07 -20.64
N LEU A 188 -5.41 6.48 -20.71
CA LEU A 188 -4.99 7.44 -21.73
C LEU A 188 -5.01 6.82 -23.12
N GLN A 189 -4.67 5.53 -23.24
CA GLN A 189 -4.71 4.88 -24.55
C GLN A 189 -6.14 4.83 -25.08
N ILE A 190 -7.11 4.62 -24.20
CA ILE A 190 -8.52 4.68 -24.60
C ILE A 190 -8.86 6.09 -25.08
N MET A 191 -8.53 7.09 -24.27
CA MET A 191 -8.90 8.47 -24.59
C MET A 191 -8.15 9.00 -25.80
N LYS A 192 -6.93 8.48 -26.05
CA LYS A 192 -6.20 8.86 -27.26
C LYS A 192 -6.95 8.41 -28.50
N GLU A 193 -7.42 7.17 -28.53
CA GLU A 193 -8.14 6.64 -29.68
C GLU A 193 -9.54 7.23 -29.81
N LEU A 194 -10.19 7.53 -28.69
CA LEU A 194 -11.52 8.12 -28.74
C LEU A 194 -11.48 9.52 -29.33
N ASN A 195 -10.51 10.33 -28.92
CA ASN A 195 -10.37 11.66 -29.52
C ASN A 195 -9.99 11.57 -30.99
N LYS A 196 -9.34 10.48 -31.41
CA LYS A 196 -9.08 10.28 -32.83
C LYS A 196 -10.39 10.09 -33.60
N ARG A 197 -11.31 9.31 -33.06
CA ARG A 197 -12.62 9.11 -33.68
C ARG A 197 -13.66 10.10 -33.18
N GLY A 198 -13.25 11.08 -32.39
CA GLY A 198 -14.13 12.17 -32.02
C GLY A 198 -13.88 13.37 -32.91
N ARG A 199 -12.61 13.60 -33.24
CA ARG A 199 -12.25 14.68 -34.16
C ARG A 199 -12.55 14.31 -35.60
N VAL A 200 -12.43 13.04 -35.96
CA VAL A 200 -12.74 12.60 -37.32
C VAL A 200 -14.20 12.83 -37.64
N LEU A 201 -15.09 12.59 -36.67
CA LEU A 201 -16.50 12.89 -36.87
C LEU A 201 -16.76 14.39 -36.92
N VAL A 202 -15.95 15.18 -36.22
CA VAL A 202 -16.06 16.63 -36.32
C VAL A 202 -15.60 17.10 -37.69
N ASN A 203 -14.51 16.52 -38.20
CA ASN A 203 -14.08 16.82 -39.56
C ASN A 203 -15.14 16.41 -40.57
N ASP A 204 -15.89 15.35 -40.28
CA ASP A 204 -17.00 14.96 -41.15
C ASP A 204 -18.04 16.06 -41.22
N ALA A 205 -18.46 16.59 -40.07
CA ALA A 205 -19.39 17.70 -40.06
C ALA A 205 -18.78 18.95 -40.68
N GLN A 206 -17.47 19.13 -40.51
CA GLN A 206 -16.80 20.26 -41.14
C GLN A 206 -16.95 20.19 -42.66
N LYS A 207 -16.69 19.03 -43.26
CA LYS A 207 -16.78 18.88 -44.71
C LYS A 207 -18.18 19.22 -45.20
N VAL A 208 -19.21 18.66 -44.56
CA VAL A 208 -20.59 18.81 -45.01
C VAL A 208 -21.00 20.28 -45.10
N THR A 209 -20.50 21.10 -44.18
CA THR A 209 -20.98 22.47 -44.08
C THR A 209 -20.33 23.42 -45.07
N GLU A 210 -19.04 23.24 -45.38
CA GLU A 210 -18.46 24.03 -46.46
C GLU A 210 -19.02 23.59 -47.81
N GLY A 211 -19.40 22.32 -47.93
CA GLY A 211 -20.05 21.88 -49.15
C GLY A 211 -21.43 22.49 -49.32
N GLN A 212 -22.22 22.50 -48.24
CA GLN A 212 -23.53 23.15 -48.29
C GLN A 212 -23.38 24.66 -48.46
N GLN A 213 -22.43 25.28 -47.75
CA GLN A 213 -22.26 26.72 -47.85
C GLN A 213 -21.87 27.13 -49.27
N GLU A 214 -21.00 26.35 -49.92
CA GLU A 214 -20.65 26.64 -51.30
C GLU A 214 -21.89 26.60 -52.19
N ARG A 215 -22.80 25.68 -51.92
CA ARG A 215 -24.06 25.64 -52.66
C ARG A 215 -24.92 26.86 -52.37
N LEU A 216 -25.03 27.22 -51.09
CA LEU A 216 -25.86 28.36 -50.70
C LEU A 216 -25.30 29.66 -51.27
N GLU A 217 -23.98 29.81 -51.29
CA GLU A 217 -23.38 31.05 -51.76
C GLU A 217 -23.56 31.25 -53.27
N ARG A 218 -23.76 30.17 -54.03
CA ARG A 218 -24.17 30.32 -55.43
C ARG A 218 -25.66 30.57 -55.57
N GLN A 219 -26.44 30.43 -54.50
CA GLN A 219 -27.88 30.65 -54.57
C GLN A 219 -28.29 32.03 -54.08
N HIS A 220 -27.45 32.68 -53.27
CA HIS A 220 -27.62 34.09 -52.96
C HIS A 220 -26.98 34.97 -54.03
N TRP A 221 -25.81 34.54 -54.52
CA TRP A 221 -25.20 35.17 -55.69
C TRP A 221 -26.15 35.13 -56.87
N THR A 222 -26.78 33.98 -57.13
CA THR A 222 -27.69 33.86 -58.27
C THR A 222 -28.91 34.76 -58.10
N MET A 223 -29.51 34.77 -56.91
CA MET A 223 -30.71 35.55 -56.67
C MET A 223 -30.47 37.04 -56.91
N THR A 224 -29.50 37.61 -56.19
CA THR A 224 -29.31 39.06 -56.21
C THR A 224 -28.97 39.58 -57.60
N LYS A 225 -28.21 38.82 -58.38
CA LYS A 225 -27.86 39.28 -59.72
C LYS A 225 -29.07 39.19 -60.65
N ILE A 226 -29.86 38.12 -60.53
CA ILE A 226 -31.11 38.04 -61.30
C ILE A 226 -32.08 39.11 -60.83
N GLN A 227 -32.12 39.36 -59.52
CA GLN A 227 -33.02 40.38 -58.97
C GLN A 227 -32.69 41.75 -59.53
N LYS A 228 -31.40 42.11 -59.59
CA LYS A 228 -31.01 43.41 -60.12
C LYS A 228 -31.34 43.52 -61.61
N HIS A 229 -31.25 42.40 -62.34
CA HIS A 229 -31.73 42.40 -63.71
C HIS A 229 -33.24 42.57 -63.76
N GLN A 230 -33.96 41.90 -62.86
CA GLN A 230 -35.41 42.09 -62.77
C GLN A 230 -35.75 43.50 -62.30
N GLU A 231 -35.03 44.00 -61.29
CA GLU A 231 -35.27 45.36 -60.81
C GLU A 231 -35.11 46.38 -61.92
N HIS A 232 -34.08 46.22 -62.75
CA HIS A 232 -33.77 47.22 -63.78
C HIS A 232 -34.86 47.29 -64.83
N ILE A 233 -35.32 46.13 -65.32
CA ILE A 233 -36.40 46.11 -66.30
C ILE A 233 -37.68 46.67 -65.69
N LEU A 234 -38.00 46.23 -64.47
CA LEU A 234 -39.16 46.75 -63.77
C LEU A 234 -39.05 48.25 -63.56
N ARG A 235 -37.84 48.72 -63.22
CA ARG A 235 -37.62 50.15 -63.00
C ARG A 235 -37.94 50.96 -64.26
N PHE A 236 -37.31 50.61 -65.38
CA PHE A 236 -37.43 51.40 -66.59
C PHE A 236 -38.82 51.27 -67.21
N ALA A 237 -39.39 50.07 -67.21
CA ALA A 237 -40.72 49.88 -67.77
C ALA A 237 -41.78 50.59 -66.94
N SER A 238 -41.61 50.66 -65.62
CA SER A 238 -42.58 51.35 -64.78
C SER A 238 -42.56 52.85 -65.06
N TRP A 239 -41.38 53.45 -65.03
CA TRP A 239 -41.27 54.89 -65.25
C TRP A 239 -41.80 55.29 -66.62
N ALA A 240 -41.47 54.51 -67.65
CA ALA A 240 -41.98 54.82 -68.99
C ALA A 240 -43.50 54.69 -69.04
N LEU A 241 -44.05 53.65 -68.40
CA LEU A 241 -45.50 53.49 -68.37
C LEU A 241 -46.16 54.52 -67.47
N GLU A 242 -45.53 54.85 -66.34
CA GLU A 242 -46.14 55.79 -65.40
C GLU A 242 -46.30 57.18 -66.01
N SER A 243 -45.39 57.59 -66.88
CA SER A 243 -45.55 58.83 -67.63
C SER A 243 -46.47 58.54 -68.80
N ASP A 244 -47.74 58.91 -68.67
CA ASP A 244 -48.76 58.58 -69.66
C ASP A 244 -49.46 59.80 -70.24
N ASN A 245 -49.04 61.02 -69.89
CA ASN A 245 -49.67 62.23 -70.39
C ASN A 245 -48.97 62.64 -71.68
N ASN A 246 -49.58 62.28 -72.81
CA ASN A 246 -49.03 62.57 -74.14
C ASN A 246 -47.62 62.01 -74.29
N THR A 247 -47.39 60.83 -73.71
CA THR A 247 -46.11 60.15 -73.80
C THR A 247 -46.17 58.89 -74.64
N ALA A 248 -47.30 58.63 -75.30
CA ALA A 248 -47.48 57.39 -76.04
C ALA A 248 -46.55 57.31 -77.24
N LEU A 249 -46.21 58.45 -77.85
CA LEU A 249 -45.35 58.45 -79.02
C LEU A 249 -43.95 57.96 -78.68
N LEU A 250 -43.45 58.25 -77.48
CA LEU A 250 -42.12 57.80 -77.09
C LEU A 250 -42.14 56.33 -76.67
N LEU A 251 -43.21 55.88 -76.03
CA LEU A 251 -43.31 54.49 -75.60
C LEU A 251 -43.45 53.55 -76.79
N SER A 252 -44.45 53.81 -77.64
CA SER A 252 -44.81 52.88 -78.71
C SER A 252 -43.69 52.63 -79.70
N LYS A 253 -42.61 53.42 -79.66
CA LYS A 253 -41.45 53.20 -80.51
C LYS A 253 -40.47 52.19 -79.92
N LYS A 254 -40.71 51.71 -78.71
CA LYS A 254 -39.79 50.80 -78.04
C LYS A 254 -40.52 49.61 -77.44
N LEU A 255 -41.63 49.20 -78.06
CA LEU A 255 -42.40 48.07 -77.53
C LEU A 255 -41.67 46.74 -77.74
N ILE A 256 -40.88 46.64 -78.80
CA ILE A 256 -40.22 45.36 -79.11
C ILE A 256 -39.23 45.00 -78.02
N TYR A 257 -38.42 45.97 -77.59
CA TYR A 257 -37.36 45.69 -76.63
C TYR A 257 -37.91 45.57 -75.22
N PHE A 258 -39.03 46.22 -74.94
CA PHE A 258 -39.75 45.98 -73.69
C PHE A 258 -40.10 44.51 -73.55
N GLN A 259 -40.91 44.00 -74.48
CA GLN A 259 -41.42 42.64 -74.40
C GLN A 259 -40.34 41.60 -74.69
N LEU A 260 -39.29 41.97 -75.42
CA LEU A 260 -38.16 41.07 -75.58
C LEU A 260 -37.51 40.78 -74.23
N HIS A 261 -37.16 41.83 -73.49
CA HIS A 261 -36.52 41.65 -72.20
C HIS A 261 -37.48 41.17 -71.12
N ARG A 262 -38.79 41.23 -71.37
CA ARG A 262 -39.73 40.57 -70.48
C ARG A 262 -39.63 39.06 -70.60
N ALA A 263 -39.28 38.55 -71.78
CA ALA A 263 -39.00 37.13 -71.94
C ALA A 263 -37.73 36.74 -71.21
N LEU A 264 -36.76 37.66 -71.10
CA LEU A 264 -35.60 37.42 -70.26
C LEU A 264 -36.02 37.16 -68.82
N LYS A 265 -37.01 37.91 -68.33
CA LYS A 265 -37.51 37.76 -66.97
C LYS A 265 -38.78 36.91 -66.90
N MET A 266 -39.38 36.58 -68.04
CA MET A 266 -40.46 35.60 -68.04
C MET A 266 -39.95 34.23 -67.60
N ILE A 267 -38.72 33.89 -67.99
CA ILE A 267 -38.12 32.61 -67.67
C ILE A 267 -36.75 32.82 -67.03
N VAL A 268 -36.73 33.17 -65.74
CA VAL A 268 -35.45 33.33 -65.07
C VAL A 268 -34.88 32.00 -64.60
N ASP A 269 -35.75 31.02 -64.34
CA ASP A 269 -35.40 29.61 -64.16
C ASP A 269 -34.63 29.23 -62.88
N PRO A 270 -34.69 29.98 -61.74
CA PRO A 270 -34.23 29.37 -60.49
C PRO A 270 -35.33 29.26 -59.45
N VAL A 271 -35.32 28.15 -58.70
CA VAL A 271 -36.23 27.95 -57.58
C VAL A 271 -35.42 27.50 -56.38
N GLU A 272 -35.64 28.14 -55.25
CA GLU A 272 -34.84 27.87 -54.07
C GLU A 272 -35.12 26.47 -53.54
N PRO A 273 -34.10 25.64 -53.32
CA PRO A 273 -34.26 24.42 -52.55
C PRO A 273 -33.96 24.67 -51.08
N HIS A 274 -34.31 23.69 -50.26
CA HIS A 274 -34.14 23.81 -48.82
C HIS A 274 -33.34 22.61 -48.32
N GLY A 275 -32.15 22.88 -47.78
CA GLY A 275 -31.36 21.83 -47.17
C GLY A 275 -31.84 21.51 -45.77
N GLU A 276 -32.43 20.34 -45.60
CA GLU A 276 -32.95 19.94 -44.30
C GLU A 276 -31.82 19.79 -43.30
N MET A 277 -32.06 20.24 -42.07
CA MET A 277 -31.06 20.16 -41.02
C MET A 277 -31.16 18.80 -40.33
N LYS A 278 -30.10 17.99 -40.45
CA LYS A 278 -30.06 16.67 -39.84
C LYS A 278 -28.84 16.53 -38.91
N PHE A 279 -28.16 17.63 -38.59
CA PHE A 279 -27.04 17.56 -37.67
C PHE A 279 -27.49 17.38 -36.22
N GLN A 280 -28.72 17.79 -35.89
CA GLN A 280 -29.28 17.41 -34.60
C GLN A 280 -29.39 15.90 -34.47
N TRP A 281 -29.61 15.21 -35.59
CA TRP A 281 -29.60 13.76 -35.57
C TRP A 281 -28.41 13.19 -36.32
N ASP A 282 -27.23 13.75 -36.06
CA ASP A 282 -25.98 13.02 -36.28
C ASP A 282 -25.07 13.18 -35.07
N LEU A 283 -25.67 13.41 -33.90
CA LEU A 283 -25.00 13.25 -32.62
C LEU A 283 -25.44 11.90 -32.04
N ASN A 284 -24.48 11.00 -31.88
CA ASN A 284 -24.79 9.64 -31.41
C ASN A 284 -24.74 9.64 -29.89
N ALA A 285 -25.91 9.88 -29.28
CA ALA A 285 -26.01 10.01 -27.83
C ALA A 285 -26.48 8.68 -27.26
N TRP A 286 -25.51 7.79 -27.06
CA TRP A 286 -25.77 6.52 -26.36
C TRP A 286 -25.26 6.57 -24.93
N THR A 287 -25.65 7.65 -24.23
CA THR A 287 -25.07 7.99 -22.94
C THR A 287 -25.14 6.83 -21.94
N LYS A 288 -26.26 6.11 -21.92
CA LYS A 288 -26.42 5.03 -20.95
C LYS A 288 -25.39 3.93 -21.15
N SER A 289 -24.89 3.77 -22.38
CA SER A 289 -23.85 2.77 -22.62
C SER A 289 -22.51 3.20 -22.07
N ALA A 290 -22.24 4.51 -22.06
CA ALA A 290 -20.94 5.00 -21.62
C ALA A 290 -20.68 4.71 -20.15
N GLU A 291 -21.69 4.88 -19.31
CA GLU A 291 -21.51 4.62 -17.88
C GLU A 291 -21.32 3.12 -17.62
N ALA A 292 -21.99 2.27 -18.39
CA ALA A 292 -21.92 0.83 -18.16
C ALA A 292 -20.50 0.32 -18.31
N PHE A 293 -19.83 0.70 -19.40
CA PHE A 293 -18.44 0.29 -19.61
C PHE A 293 -17.47 1.07 -18.73
N GLY A 294 -17.87 2.24 -18.25
CA GLY A 294 -17.09 2.91 -17.23
C GLY A 294 -17.29 2.34 -15.85
N LYS A 295 -18.39 1.63 -15.61
CA LYS A 295 -18.65 1.05 -14.29
C LYS A 295 -17.64 -0.02 -13.95
N ILE A 296 -17.42 -0.97 -14.87
CA ILE A 296 -16.53 -2.09 -14.59
C ILE A 296 -15.09 -1.61 -14.50
N VAL A 297 -14.61 -0.90 -15.52
CA VAL A 297 -13.27 -0.34 -15.49
C VAL A 297 -13.34 1.16 -15.80
N LEU B 1 -6.19 -32.78 25.97
CA LEU B 1 -6.08 -31.37 25.63
C LEU B 1 -4.72 -30.81 26.07
N SER B 2 -3.90 -31.66 26.67
CA SER B 2 -2.59 -31.23 27.15
C SER B 2 -1.71 -30.75 26.00
N GLU B 3 -1.94 -31.26 24.78
CA GLU B 3 -1.29 -30.69 23.62
C GLU B 3 -1.75 -29.25 23.38
N LEU B 4 -3.06 -29.01 23.49
CA LEU B 4 -3.60 -27.68 23.24
C LEU B 4 -3.07 -26.65 24.24
N GLU B 5 -2.78 -27.07 25.47
CA GLU B 5 -2.26 -26.14 26.47
C GLU B 5 -0.90 -25.61 26.06
N ASP B 6 0.01 -26.50 25.67
CA ASP B 6 1.37 -26.09 25.33
C ASP B 6 1.39 -25.22 24.08
N LEU B 7 0.51 -25.52 23.11
CA LEU B 7 0.42 -24.67 21.93
C LEU B 7 -0.10 -23.28 22.28
N LYS B 8 -0.92 -23.17 23.33
CA LYS B 8 -1.33 -21.87 23.83
C LYS B 8 -0.18 -21.18 24.56
N ASP B 9 0.42 -21.88 25.54
CA ASP B 9 1.47 -21.29 26.34
C ASP B 9 2.67 -20.90 25.49
N ALA B 10 2.92 -21.61 24.38
CA ALA B 10 4.01 -21.25 23.49
C ALA B 10 3.88 -19.81 23.03
N LYS B 11 2.70 -19.44 22.51
CA LYS B 11 2.48 -18.09 22.01
C LYS B 11 2.61 -17.05 23.11
N LEU B 12 2.26 -17.42 24.35
CA LEU B 12 2.35 -16.47 25.45
C LEU B 12 3.79 -16.05 25.73
N GLN B 13 4.70 -17.04 25.82
CA GLN B 13 6.11 -16.75 26.14
C GLN B 13 6.75 -15.82 25.13
N THR B 14 6.17 -15.69 23.94
CA THR B 14 6.71 -14.86 22.88
C THR B 14 6.28 -13.41 23.02
N LEU B 15 5.05 -13.16 23.48
CA LEU B 15 4.65 -11.79 23.80
C LEU B 15 5.55 -11.20 24.86
N LYS B 16 5.91 -12.01 25.86
CA LYS B 16 6.86 -11.59 26.88
C LYS B 16 8.24 -11.33 26.27
N GLU B 17 8.58 -12.02 25.18
CA GLU B 17 9.81 -11.72 24.46
C GLU B 17 9.73 -10.36 23.80
N LEU B 18 8.59 -10.03 23.19
CA LEU B 18 8.40 -8.76 22.53
C LEU B 18 8.04 -7.68 23.57
N PHE B 19 6.75 -7.57 23.91
CA PHE B 19 6.26 -6.60 24.88
C PHE B 19 6.10 -7.26 26.24
N PRO B 20 7.03 -7.04 27.18
CA PRO B 20 7.06 -7.85 28.40
C PRO B 20 6.41 -7.22 29.63
N GLN B 21 6.35 -5.89 29.67
CA GLN B 21 5.97 -5.19 30.89
C GLN B 21 4.55 -5.52 31.32
N ARG B 22 3.64 -5.68 30.36
CA ARG B 22 2.27 -6.03 30.69
C ARG B 22 2.21 -7.44 31.28
N SER B 23 1.18 -7.67 32.10
CA SER B 23 1.15 -8.86 32.96
C SER B 23 0.84 -10.12 32.16
N ASP B 24 1.18 -11.26 32.77
CA ASP B 24 0.88 -12.56 32.18
C ASP B 24 -0.62 -12.78 32.08
N ASN B 25 -1.39 -12.21 33.01
CA ASN B 25 -2.84 -12.34 32.98
C ASN B 25 -3.44 -11.58 31.80
N ASP B 26 -2.86 -10.42 31.46
CA ASP B 26 -3.43 -9.60 30.40
C ASP B 26 -3.19 -10.22 29.03
N LEU B 27 -2.01 -10.77 28.80
CA LEU B 27 -1.69 -11.35 27.50
C LEU B 27 -2.53 -12.59 27.22
N LEU B 28 -2.85 -13.36 28.26
CA LEU B 28 -3.62 -14.59 28.07
C LEU B 28 -5.00 -14.32 27.50
N LYS B 29 -5.64 -13.22 27.93
CA LYS B 29 -6.96 -12.90 27.41
C LYS B 29 -6.92 -12.56 25.92
N LEU B 30 -5.84 -11.93 25.46
CA LEU B 30 -5.72 -11.55 24.06
C LEU B 30 -5.31 -12.72 23.18
N ILE B 31 -4.66 -13.75 23.73
CA ILE B 31 -4.30 -14.91 22.93
C ILE B 31 -5.45 -15.89 22.78
N GLU B 32 -6.57 -15.66 23.49
CA GLU B 32 -7.83 -16.33 23.21
C GLU B 32 -8.73 -15.48 22.32
N SER B 33 -8.76 -14.17 22.57
CA SER B 33 -9.49 -13.24 21.72
C SER B 33 -8.99 -13.27 20.27
N THR B 34 -7.80 -13.80 20.04
CA THR B 34 -7.23 -13.89 18.70
C THR B 34 -7.33 -15.30 18.11
N SER B 35 -7.61 -16.31 18.94
CA SER B 35 -7.63 -17.73 18.55
C SER B 35 -6.25 -18.24 18.17
N THR B 36 -5.21 -17.73 18.84
CA THR B 36 -3.85 -18.30 18.82
C THR B 36 -3.24 -18.31 17.41
N MET B 37 -3.56 -17.31 16.58
CA MET B 37 -2.75 -17.08 15.39
C MET B 37 -1.43 -16.44 15.78
N ASP B 38 -0.35 -16.87 15.14
CA ASP B 38 0.97 -16.41 15.54
C ASP B 38 1.12 -14.90 15.35
N GLY B 39 0.58 -14.37 14.25
CA GLY B 39 0.75 -12.96 13.95
C GLY B 39 -0.32 -12.08 14.55
N ALA B 40 -1.59 -12.46 14.37
CA ALA B 40 -2.70 -11.60 14.77
C ALA B 40 -2.71 -11.31 16.26
N ILE B 41 -2.01 -12.11 17.07
CA ILE B 41 -1.83 -11.79 18.48
C ILE B 41 -0.91 -10.58 18.63
N ALA B 42 0.23 -10.60 17.94
CA ALA B 42 1.13 -9.45 17.94
C ALA B 42 0.46 -8.22 17.34
N ALA B 43 -0.61 -8.39 16.57
CA ALA B 43 -1.37 -7.25 16.09
C ALA B 43 -2.12 -6.58 17.24
N ALA B 44 -3.00 -7.34 17.91
CA ALA B 44 -3.77 -6.79 19.01
C ALA B 44 -2.89 -6.36 20.19
N LEU B 45 -1.69 -6.91 20.29
CA LEU B 45 -0.78 -6.50 21.36
C LEU B 45 -0.40 -5.02 21.23
N LEU B 46 -0.03 -4.59 20.02
CA LEU B 46 0.32 -3.20 19.81
C LEU B 46 -0.85 -2.28 20.07
N MET B 47 -2.08 -2.74 19.79
CA MET B 47 -3.25 -1.89 19.99
C MET B 47 -3.48 -1.57 21.45
N PHE B 48 -3.05 -2.45 22.36
CA PHE B 48 -3.14 -2.16 23.79
C PHE B 48 -2.09 -2.94 24.58
ZN ZN C . 27.30 -1.89 36.60
ZN ZN D . 16.54 -9.16 30.38
ZN ZN E . 28.51 -28.08 52.60
ZN ZN F . 20.79 -34.70 47.74
#